data_5NKZ
#
_entry.id   5NKZ
#
_cell.length_a   44.683
_cell.length_b   61.582
_cell.length_c   78.441
_cell.angle_alpha   89.18
_cell.angle_beta   78.02
_cell.angle_gamma   84.09
#
_symmetry.space_group_name_H-M   'P 1'
#
loop_
_entity.id
_entity.type
_entity.pdbx_description
1 polymer 'Ubiquitin-conjugating enzyme E2-21 kDa'
2 polymer 'Peroxin 22'
#
loop_
_entity_poly.entity_id
_entity_poly.type
_entity_poly.pdbx_seq_one_letter_code
_entity_poly.pdbx_strand_id
1 'polypeptide(L)'
;GAMASTEKRLLKEYRAVKKELTEKRSPIHDTGIVDLHPLEDGLFRWSAVIRGPDQSPFEDALWKLEIDIPTNYPLDPPKI
KFVVFGEEKIRQLQRKTSSGARKVCYKMPHPNVNFKTGEICLDILQQKWSPAWTLQSALVAIVVLLANPEPLSPLNIDMA
NLLKCDDTTAYKDLVHYYIAKYSAYESNDV
;
A,B
2 'polypeptide(L)'
;GAMAWALKTINPGLFEEPAKTSEASKSNGQSVSLVLTQKDLDFFSAAYLNEYPNLTVILHPSVDKSEFLSRFNVQRNSHQ
VIQVRTEESIFHVLKQLSSNINLITLGNLEMSANEVETFHLDKFLTNVHEVDRINDYI
;
D,C
#
# COMPACT_ATOMS: atom_id res chain seq x y z
N ALA A 4 9.67 -24.28 0.98
CA ALA A 4 9.13 -25.51 0.32
C ALA A 4 8.02 -25.14 -0.68
N SER A 5 7.07 -24.38 -0.16
CA SER A 5 5.87 -23.98 -0.89
C SER A 5 6.12 -22.89 -1.94
N THR A 6 6.82 -21.81 -1.54
CA THR A 6 7.13 -20.64 -2.39
C THR A 6 7.23 -20.92 -3.89
N GLU A 7 8.04 -21.93 -4.21
CA GLU A 7 8.29 -22.46 -5.56
C GLU A 7 7.04 -22.63 -6.39
N LYS A 8 6.04 -23.30 -5.81
CA LYS A 8 4.84 -23.50 -6.61
C LYS A 8 3.95 -22.30 -6.69
N ARG A 9 4.03 -21.32 -5.78
CA ARG A 9 3.32 -20.05 -5.98
C ARG A 9 3.92 -19.31 -7.18
N LEU A 10 5.23 -19.13 -7.07
CA LEU A 10 6.00 -18.45 -8.09
C LEU A 10 5.72 -19.07 -9.44
N LEU A 11 5.73 -20.39 -9.51
CA LEU A 11 5.39 -21.01 -10.78
C LEU A 11 3.97 -20.62 -11.24
N LYS A 12 3.01 -20.57 -10.30
CA LYS A 12 1.63 -20.19 -10.61
C LYS A 12 1.54 -18.74 -11.11
N GLU A 13 2.19 -17.82 -10.40
CA GLU A 13 2.32 -16.45 -10.87
C GLU A 13 2.86 -16.30 -12.30
N TYR A 14 3.81 -17.16 -12.68
CA TYR A 14 4.38 -17.16 -14.02
C TYR A 14 3.35 -17.58 -15.06
N ARG A 15 2.71 -18.73 -14.83
CA ARG A 15 1.74 -19.26 -15.77
C ARG A 15 0.61 -18.27 -16.03
N ALA A 16 0.19 -17.65 -14.94
CA ALA A 16 -0.85 -16.66 -14.96
C ALA A 16 -0.53 -15.54 -15.91
N VAL A 17 0.63 -14.94 -15.74
CA VAL A 17 1.03 -13.79 -16.54
C VAL A 17 1.37 -14.25 -17.95
N LYS A 18 2.04 -15.38 -18.11
CA LYS A 18 2.20 -15.95 -19.42
C LYS A 18 0.85 -15.92 -20.15
N LYS A 19 -0.15 -16.61 -19.61
CA LYS A 19 -1.37 -16.68 -20.37
C LYS A 19 -2.18 -15.37 -20.45
N GLU A 20 -2.00 -14.43 -19.55
CA GLU A 20 -2.76 -13.17 -19.59
C GLU A 20 -2.30 -12.28 -20.72
N LEU A 21 -1.01 -12.32 -21.05
CA LEU A 21 -0.39 -11.55 -22.18
C LEU A 21 -0.71 -12.14 -23.55
N THR A 22 -0.96 -13.45 -23.60
CA THR A 22 -1.41 -14.13 -24.81
C THR A 22 -2.81 -13.68 -25.24
N GLU A 23 -3.62 -13.13 -24.35
CA GLU A 23 -4.93 -12.57 -24.74
C GLU A 23 -4.88 -11.07 -25.04
N LYS A 24 -5.50 -10.70 -26.17
CA LYS A 24 -5.43 -9.35 -26.72
C LYS A 24 -6.25 -8.35 -25.90
N ARG A 25 -7.45 -8.77 -25.49
CA ARG A 25 -8.38 -7.90 -24.80
C ARG A 25 -8.23 -7.83 -23.28
N SER A 26 -7.36 -8.66 -22.72
CA SER A 26 -7.14 -8.69 -21.25
C SER A 26 -6.70 -7.33 -20.68
N PRO A 27 -7.09 -7.01 -19.40
CA PRO A 27 -6.75 -5.68 -18.90
C PRO A 27 -5.28 -5.46 -18.63
N ILE A 28 -4.48 -6.55 -18.67
CA ILE A 28 -3.00 -6.56 -18.42
C ILE A 28 -2.30 -5.46 -19.19
N HIS A 29 -2.72 -5.25 -20.43
CA HIS A 29 -1.99 -4.40 -21.32
C HIS A 29 -2.06 -2.94 -20.91
N ASP A 30 -3.27 -2.45 -20.59
CA ASP A 30 -3.42 -1.06 -20.12
C ASP A 30 -2.81 -0.79 -18.76
N THR A 31 -2.38 -1.85 -18.06
CA THR A 31 -1.62 -1.72 -16.80
C THR A 31 -0.16 -1.40 -17.01
N GLY A 32 0.34 -1.60 -18.23
CA GLY A 32 1.73 -1.29 -18.59
C GLY A 32 2.65 -2.49 -18.66
N ILE A 33 2.16 -3.70 -18.42
CA ILE A 33 3.04 -4.82 -18.28
C ILE A 33 3.19 -5.48 -19.62
N VAL A 34 4.40 -5.36 -20.17
CA VAL A 34 4.70 -5.87 -21.49
C VAL A 34 5.20 -7.30 -21.41
N ASP A 35 6.05 -7.59 -20.44
CA ASP A 35 6.55 -8.95 -20.25
C ASP A 35 7.06 -9.18 -18.82
N LEU A 36 6.98 -10.45 -18.38
CA LEU A 36 7.46 -10.89 -17.04
C LEU A 36 7.72 -12.40 -16.96
N HIS A 37 8.92 -12.79 -16.58
CA HIS A 37 9.28 -14.21 -16.52
C HIS A 37 10.53 -14.47 -15.66
N PRO A 38 10.71 -15.72 -15.23
CA PRO A 38 11.96 -16.12 -14.63
C PRO A 38 13.09 -16.23 -15.65
N LEU A 39 14.29 -16.00 -15.17
CA LEU A 39 15.50 -16.27 -15.88
C LEU A 39 15.85 -17.75 -15.80
N GLU A 40 16.72 -18.19 -16.70
CA GLU A 40 17.37 -19.49 -16.65
C GLU A 40 16.34 -20.58 -16.39
N ASP A 41 16.70 -21.56 -15.58
CA ASP A 41 15.74 -22.41 -14.88
C ASP A 41 15.41 -21.84 -13.46
N GLY A 42 16.25 -20.96 -12.87
CA GLY A 42 16.00 -20.52 -11.46
C GLY A 42 14.75 -19.64 -11.30
N LEU A 43 13.88 -19.97 -10.32
CA LEU A 43 12.64 -19.23 -10.10
C LEU A 43 12.86 -17.93 -9.33
N PHE A 44 14.03 -17.76 -8.74
CA PHE A 44 14.22 -16.68 -7.78
C PHE A 44 14.85 -15.42 -8.36
N ARG A 45 15.02 -15.40 -9.69
CA ARG A 45 15.44 -14.19 -10.37
C ARG A 45 14.65 -14.05 -11.62
N TRP A 46 14.02 -12.89 -11.76
CA TRP A 46 13.08 -12.66 -12.84
C TRP A 46 13.44 -11.40 -13.61
N SER A 47 13.01 -11.38 -14.87
CA SER A 47 12.99 -10.19 -15.68
C SER A 47 11.57 -9.72 -15.97
N ALA A 48 11.45 -8.40 -16.07
CA ALA A 48 10.25 -7.76 -16.47
C ALA A 48 10.55 -6.55 -17.34
N VAL A 49 9.62 -6.28 -18.23
CA VAL A 49 9.57 -5.12 -19.09
C VAL A 49 8.22 -4.44 -18.85
N ILE A 50 8.26 -3.13 -18.62
CA ILE A 50 7.03 -2.35 -18.44
C ILE A 50 7.00 -1.13 -19.38
N ARG A 51 5.81 -0.62 -19.66
CA ARG A 51 5.65 0.58 -20.44
C ARG A 51 5.12 1.64 -19.55
N GLY A 52 5.81 2.77 -19.50
CA GLY A 52 5.41 3.88 -18.68
C GLY A 52 4.05 4.38 -19.10
N PRO A 53 3.30 4.92 -18.16
CA PRO A 53 1.91 5.15 -18.35
C PRO A 53 1.63 6.42 -19.10
N ASP A 54 0.54 6.39 -19.86
CA ASP A 54 0.03 7.49 -20.65
C ASP A 54 -0.21 8.76 -19.87
N GLN A 55 -0.48 9.84 -20.59
CA GLN A 55 -0.54 11.21 -20.05
C GLN A 55 0.58 11.49 -19.03
N SER A 56 1.75 10.90 -19.19
CA SER A 56 2.89 11.10 -18.29
C SER A 56 4.18 11.16 -19.09
N PRO A 57 5.22 11.83 -18.59
CA PRO A 57 6.46 11.99 -19.38
C PRO A 57 7.20 10.67 -19.76
N PHE A 58 6.82 9.58 -19.08
CA PHE A 58 7.34 8.24 -19.34
C PHE A 58 6.51 7.49 -20.41
N GLU A 59 5.47 8.14 -20.97
CA GLU A 59 4.62 7.48 -21.96
C GLU A 59 5.39 7.05 -23.21
N ASP A 60 4.96 5.92 -23.75
CA ASP A 60 5.39 5.40 -25.02
C ASP A 60 6.78 4.79 -25.02
N ALA A 61 7.42 4.67 -23.88
CA ALA A 61 8.75 4.06 -23.77
C ALA A 61 8.70 2.84 -22.84
N LEU A 62 9.50 1.85 -23.13
CA LEU A 62 9.66 0.70 -22.26
C LEU A 62 10.84 0.82 -21.26
N TRP A 63 10.78 0.05 -20.16
CA TRP A 63 11.91 -0.13 -19.26
C TRP A 63 12.06 -1.56 -18.86
N LYS A 64 13.30 -1.91 -18.45
CA LYS A 64 13.59 -3.28 -18.01
C LYS A 64 13.78 -3.26 -16.51
N LEU A 65 13.28 -4.33 -15.87
CA LEU A 65 13.39 -4.53 -14.44
C LEU A 65 13.95 -5.93 -14.17
N GLU A 66 14.80 -6.01 -13.15
CA GLU A 66 15.29 -7.27 -12.61
C GLU A 66 14.65 -7.42 -11.26
N ILE A 67 14.23 -8.65 -10.94
CA ILE A 67 13.47 -8.97 -9.75
C ILE A 67 14.13 -10.14 -9.02
N ASP A 68 14.62 -9.88 -7.80
CA ASP A 68 15.13 -10.90 -6.87
C ASP A 68 14.09 -11.34 -5.85
N ILE A 69 13.84 -12.64 -5.79
CA ILE A 69 12.83 -13.21 -4.94
C ILE A 69 13.50 -13.82 -3.71
N PRO A 70 13.18 -13.38 -2.46
CA PRO A 70 13.69 -14.08 -1.27
C PRO A 70 13.06 -15.44 -1.06
N THR A 71 13.70 -16.34 -0.31
CA THR A 71 13.25 -17.73 -0.25
C THR A 71 11.94 -17.87 0.51
N ASN A 72 11.77 -17.07 1.56
CA ASN A 72 10.52 -17.09 2.33
C ASN A 72 9.39 -16.25 1.69
N TYR A 73 9.59 -15.70 0.49
CA TYR A 73 8.49 -15.08 -0.29
C TYR A 73 7.30 -16.04 -0.29
N PRO A 74 6.09 -15.51 -0.17
CA PRO A 74 5.76 -14.07 -0.21
C PRO A 74 5.72 -13.36 1.10
N LEU A 75 6.31 -13.94 2.15
CA LEU A 75 6.24 -13.32 3.45
C LEU A 75 7.09 -12.12 3.35
N ASP A 76 8.32 -12.29 2.82
CA ASP A 76 9.12 -11.13 2.45
C ASP A 76 8.98 -10.70 1.01
N PRO A 77 9.06 -9.37 0.78
CA PRO A 77 8.95 -8.78 -0.57
C PRO A 77 10.06 -9.15 -1.51
N PRO A 78 9.80 -9.10 -2.83
CA PRO A 78 10.86 -9.17 -3.81
C PRO A 78 11.65 -7.89 -3.78
N LYS A 79 12.93 -7.97 -4.13
CA LYS A 79 13.75 -6.77 -4.37
C LYS A 79 13.64 -6.53 -5.86
N ILE A 80 13.18 -5.34 -6.23
CA ILE A 80 13.01 -4.99 -7.62
C ILE A 80 13.77 -3.73 -8.02
N LYS A 81 14.51 -3.80 -9.12
CA LYS A 81 15.22 -2.61 -9.65
C LYS A 81 15.08 -2.48 -11.14
N PHE A 82 15.09 -1.23 -11.59
CA PHE A 82 15.22 -0.89 -13.03
C PHE A 82 16.59 -1.26 -13.53
N VAL A 83 16.72 -1.87 -14.71
CA VAL A 83 18.06 -2.09 -15.28
C VAL A 83 18.56 -0.77 -15.96
N VAL A 84 19.69 -0.31 -15.46
CA VAL A 84 20.28 0.96 -15.73
C VAL A 84 21.76 0.68 -16.02
N PHE A 85 22.25 1.17 -17.14
CA PHE A 85 23.62 0.92 -17.49
C PHE A 85 24.36 2.22 -17.56
N GLY A 86 25.68 2.12 -17.53
CA GLY A 86 26.53 3.26 -17.81
C GLY A 86 26.40 3.69 -19.27
N GLU A 87 26.62 5.00 -19.47
CA GLU A 87 26.60 5.66 -20.78
C GLU A 87 27.52 4.95 -21.84
N GLU A 88 28.68 4.47 -21.41
CA GLU A 88 29.55 3.67 -22.28
C GLU A 88 28.99 2.27 -22.61
N LYS A 89 28.40 1.57 -21.67
CA LYS A 89 27.71 0.31 -22.00
C LYS A 89 26.50 0.51 -22.92
N ILE A 90 25.76 1.59 -22.73
CA ILE A 90 24.59 1.83 -23.58
C ILE A 90 25.00 2.14 -25.02
N ARG A 91 26.01 3.01 -25.21
CA ARG A 91 26.47 3.36 -26.57
C ARG A 91 27.00 2.15 -27.36
N GLN A 92 27.54 1.11 -26.71
CA GLN A 92 27.84 -0.19 -27.36
C GLN A 92 26.62 -1.03 -27.69
N LEU A 93 25.64 -1.06 -26.80
CA LEU A 93 24.35 -1.71 -27.10
C LEU A 93 23.63 -1.07 -28.27
N GLN A 94 23.77 0.25 -28.43
CA GLN A 94 23.21 1.02 -29.56
C GLN A 94 23.84 0.66 -30.95
N ARG A 95 25.09 0.24 -30.94
CA ARG A 95 25.75 -0.22 -32.15
C ARG A 95 25.10 -1.45 -32.78
N LYS A 96 24.36 -2.24 -32.01
CA LYS A 96 23.58 -3.36 -32.56
C LYS A 96 22.14 -2.90 -32.86
N THR A 97 22.05 -2.05 -33.90
CA THR A 97 20.84 -1.29 -34.28
C THR A 97 19.75 -2.03 -35.11
N SER A 98 20.04 -3.23 -35.67
CA SER A 98 19.07 -4.06 -36.39
C SER A 98 17.85 -4.25 -35.51
N SER A 99 16.73 -3.67 -35.93
CA SER A 99 15.63 -3.28 -35.03
C SER A 99 14.75 -4.45 -34.58
N GLY A 100 15.40 -5.45 -33.95
CA GLY A 100 14.81 -6.77 -33.63
C GLY A 100 13.59 -6.68 -32.74
N ALA A 101 13.67 -7.21 -31.51
CA ALA A 101 12.54 -7.17 -30.57
C ALA A 101 12.01 -5.72 -30.37
N ARG A 102 12.58 -4.97 -29.45
CA ARG A 102 11.96 -3.71 -29.06
C ARG A 102 13.03 -2.80 -28.51
N LYS A 103 12.76 -1.49 -28.57
CA LYS A 103 13.58 -0.50 -27.92
C LYS A 103 13.19 -0.40 -26.45
N VAL A 104 14.23 -0.36 -25.62
CA VAL A 104 14.13 -0.24 -24.20
C VAL A 104 15.10 0.84 -23.80
N CYS A 105 14.75 1.62 -22.79
CA CYS A 105 15.55 2.71 -22.29
C CYS A 105 16.26 2.26 -21.01
N TYR A 106 17.54 2.59 -20.92
CA TYR A 106 18.40 2.06 -19.88
C TYR A 106 18.83 3.14 -18.93
N LYS A 107 18.12 4.26 -18.89
CA LYS A 107 18.27 5.20 -17.78
C LYS A 107 16.89 5.45 -17.19
N MET A 108 16.83 5.66 -15.86
CA MET A 108 15.59 5.93 -15.18
C MET A 108 15.61 7.16 -14.28
N PRO A 109 15.19 8.30 -14.84
CA PRO A 109 15.16 9.59 -14.12
C PRO A 109 13.82 9.88 -13.43
N HIS A 110 13.74 9.59 -12.13
CA HIS A 110 12.51 9.72 -11.34
C HIS A 110 12.93 9.93 -9.89
N PRO A 111 12.24 10.83 -9.13
CA PRO A 111 12.52 11.09 -7.69
C PRO A 111 12.61 9.87 -6.81
N ASN A 112 11.80 8.87 -7.05
CA ASN A 112 11.81 7.68 -6.22
C ASN A 112 12.60 6.52 -6.80
N VAL A 113 13.48 6.76 -7.75
CA VAL A 113 14.43 5.70 -8.13
C VAL A 113 15.81 6.28 -8.18
N ASN A 114 16.75 5.44 -7.81
CA ASN A 114 18.14 5.77 -7.60
C ASN A 114 18.75 5.75 -8.97
N PHE A 115 19.37 6.85 -9.36
CA PHE A 115 19.77 7.01 -10.78
C PHE A 115 20.78 5.98 -11.28
N LYS A 116 21.72 5.61 -10.39
CA LYS A 116 22.80 4.63 -10.65
C LYS A 116 22.37 3.17 -10.48
N THR A 117 21.94 2.81 -9.28
CA THR A 117 21.58 1.41 -8.95
C THR A 117 20.30 0.88 -9.63
N GLY A 118 19.29 1.75 -9.81
CA GLY A 118 17.98 1.35 -10.31
C GLY A 118 17.00 0.98 -9.20
N GLU A 119 17.41 1.24 -7.97
CA GLU A 119 16.66 0.86 -6.81
C GLU A 119 15.47 1.78 -6.66
N ILE A 120 14.38 1.22 -6.12
CA ILE A 120 13.07 1.89 -6.07
C ILE A 120 12.63 2.12 -4.65
N CYS A 121 12.07 3.29 -4.37
CA CYS A 121 11.48 3.61 -3.09
C CYS A 121 9.93 3.65 -3.17
N LEU A 122 9.33 2.50 -2.89
CA LEU A 122 7.89 2.34 -3.00
C LEU A 122 7.36 1.50 -1.77
N ASP A 123 6.53 2.13 -0.92
CA ASP A 123 5.93 1.52 0.32
C ASP A 123 5.58 0.03 0.22
N ILE A 124 4.84 -0.34 -0.81
CA ILE A 124 4.55 -1.74 -1.20
C ILE A 124 5.69 -2.74 -1.19
N LEU A 125 6.89 -2.28 -1.47
CA LEU A 125 8.06 -3.14 -1.51
C LEU A 125 8.83 -3.13 -0.21
N GLN A 126 8.70 -2.04 0.57
CA GLN A 126 9.39 -1.85 1.85
C GLN A 126 8.37 -1.90 3.02
N GLN A 127 7.77 -3.06 3.20
CA GLN A 127 7.03 -3.37 4.45
C GLN A 127 5.71 -2.52 4.68
N LYS A 128 5.05 -2.13 3.58
CA LYS A 128 3.62 -2.40 3.36
C LYS A 128 3.41 -3.64 2.45
N TRP A 129 4.46 -4.39 2.13
CA TRP A 129 4.31 -5.65 1.39
C TRP A 129 3.49 -6.57 2.23
N SER A 130 2.71 -7.43 1.57
CA SER A 130 2.07 -8.57 2.27
C SER A 130 1.96 -9.65 1.24
N PRO A 131 1.66 -10.89 1.66
CA PRO A 131 1.48 -11.97 0.69
C PRO A 131 0.34 -11.78 -0.26
N ALA A 132 -0.54 -10.80 0.05
CA ALA A 132 -1.66 -10.43 -0.80
C ALA A 132 -1.18 -9.99 -2.14
N TRP A 133 -0.06 -9.25 -2.15
CA TRP A 133 0.64 -8.83 -3.37
C TRP A 133 1.32 -9.95 -4.13
N THR A 134 1.31 -9.77 -5.45
CA THR A 134 2.02 -10.62 -6.39
C THR A 134 3.08 -9.81 -7.08
N LEU A 135 3.93 -10.50 -7.82
CA LEU A 135 4.96 -9.80 -8.64
C LEU A 135 4.20 -8.85 -9.61
N GLN A 136 3.16 -9.40 -10.21
CA GLN A 136 2.43 -8.71 -11.21
C GLN A 136 1.82 -7.41 -10.70
N SER A 137 1.28 -7.41 -9.49
CA SER A 137 0.61 -6.18 -9.00
C SER A 137 1.60 -5.20 -8.44
N ALA A 138 2.73 -5.70 -7.99
CA ALA A 138 3.85 -4.83 -7.63
C ALA A 138 4.36 -4.03 -8.86
N LEU A 139 4.48 -4.70 -10.01
CA LEU A 139 4.80 -4.01 -11.24
C LEU A 139 3.82 -2.92 -11.60
N VAL A 140 2.52 -3.23 -11.56
CA VAL A 140 1.49 -2.23 -11.84
C VAL A 140 1.63 -1.08 -10.88
N ALA A 141 2.03 -1.39 -9.65
CA ALA A 141 2.27 -0.37 -8.64
C ALA A 141 3.39 0.57 -9.01
N ILE A 142 4.42 0.03 -9.65
CA ILE A 142 5.61 0.79 -10.08
C ILE A 142 5.24 1.70 -11.26
N VAL A 143 4.43 1.19 -12.19
CA VAL A 143 3.99 2.07 -13.28
C VAL A 143 3.14 3.20 -12.75
N VAL A 144 2.31 2.92 -11.75
CA VAL A 144 1.55 4.00 -11.11
C VAL A 144 2.48 5.07 -10.46
N LEU A 145 3.59 4.60 -9.96
CA LEU A 145 4.59 5.44 -9.29
C LEU A 145 5.26 6.37 -10.30
N LEU A 146 5.51 5.83 -11.51
CA LEU A 146 6.05 6.65 -12.59
C LEU A 146 5.18 7.87 -12.93
N ALA A 147 3.86 7.69 -13.00
CA ALA A 147 2.95 8.83 -13.10
C ALA A 147 2.77 9.65 -11.82
N ASN A 148 3.13 9.09 -10.67
CA ASN A 148 2.80 9.70 -9.38
C ASN A 148 4.04 9.72 -8.51
N PRO A 149 5.04 10.44 -8.94
CA PRO A 149 6.21 10.43 -8.09
C PRO A 149 5.86 11.02 -6.73
N GLU A 150 6.59 10.59 -5.70
CA GLU A 150 6.51 11.19 -4.38
C GLU A 150 7.79 11.94 -3.99
N PRO A 151 7.83 13.27 -4.26
CA PRO A 151 9.03 14.13 -4.02
C PRO A 151 9.58 14.19 -2.58
N LEU A 152 8.73 13.85 -1.61
CA LEU A 152 9.09 13.96 -0.21
C LEU A 152 9.73 12.68 0.31
N SER A 153 9.75 11.62 -0.50
CA SER A 153 10.51 10.38 -0.22
C SER A 153 11.60 10.06 -1.37
N PRO A 154 12.58 10.97 -1.59
CA PRO A 154 13.39 10.91 -2.79
C PRO A 154 14.61 10.00 -2.70
N LEU A 155 14.81 9.23 -3.74
CA LEU A 155 16.05 8.51 -3.99
C LEU A 155 16.86 9.17 -5.11
N ASN A 156 16.37 10.26 -5.70
CA ASN A 156 17.03 11.02 -6.74
C ASN A 156 16.65 12.46 -6.41
N ILE A 157 17.54 13.18 -5.72
CA ILE A 157 17.20 14.49 -5.16
C ILE A 157 16.85 15.56 -6.20
N ASP A 158 17.51 15.46 -7.34
CA ASP A 158 17.54 16.54 -8.32
C ASP A 158 16.26 16.50 -9.13
N MET A 159 15.81 15.30 -9.50
CA MET A 159 14.55 15.16 -10.18
C MET A 159 13.43 15.55 -9.25
N ALA A 160 13.57 15.19 -7.97
CA ALA A 160 12.57 15.53 -6.95
C ALA A 160 12.48 17.04 -6.80
N ASN A 161 13.64 17.72 -6.80
CA ASN A 161 13.67 19.17 -6.62
C ASN A 161 13.05 19.98 -7.75
N LEU A 162 12.93 19.36 -8.92
CA LEU A 162 12.27 20.03 -10.02
C LEU A 162 10.81 20.15 -9.74
N LEU A 163 10.26 19.11 -9.11
CA LEU A 163 8.89 19.12 -8.60
C LEU A 163 8.72 20.07 -7.44
N LYS A 164 9.67 20.13 -6.53
CA LYS A 164 9.56 21.11 -5.45
C LYS A 164 9.55 22.54 -5.96
N CYS A 165 10.28 22.80 -7.04
CA CYS A 165 10.26 24.11 -7.72
C CYS A 165 8.98 24.32 -8.53
N ASP A 166 8.18 23.27 -8.69
CA ASP A 166 7.11 23.23 -9.63
C ASP A 166 7.58 23.31 -11.10
N ASP A 167 8.86 23.06 -11.36
CA ASP A 167 9.38 23.10 -12.72
C ASP A 167 9.00 21.81 -13.41
N THR A 168 7.76 21.78 -13.88
CA THR A 168 7.21 20.59 -14.45
C THR A 168 7.75 20.33 -15.86
N THR A 169 8.05 21.40 -16.60
CA THR A 169 8.59 21.29 -17.95
C THR A 169 10.04 20.80 -18.01
N ALA A 170 10.88 21.30 -17.10
CA ALA A 170 12.21 20.77 -16.93
C ALA A 170 12.20 19.30 -16.60
N TYR A 171 11.31 18.88 -15.70
CA TYR A 171 11.12 17.48 -15.34
C TYR A 171 10.85 16.67 -16.63
N LYS A 172 9.93 17.16 -17.46
CA LYS A 172 9.46 16.41 -18.62
C LYS A 172 10.46 16.40 -19.79
N ASP A 173 11.06 17.58 -20.09
CA ASP A 173 12.11 17.67 -21.09
C ASP A 173 13.22 16.66 -20.74
N LEU A 174 13.64 16.67 -19.49
CA LEU A 174 14.74 15.83 -19.03
C LEU A 174 14.39 14.34 -19.17
N VAL A 175 13.18 13.97 -18.77
CA VAL A 175 12.69 12.60 -18.98
C VAL A 175 12.71 12.21 -20.49
N HIS A 176 12.29 13.14 -21.35
CA HIS A 176 12.27 12.95 -22.84
C HIS A 176 13.68 12.85 -23.42
N TYR A 177 14.60 13.58 -22.78
CA TYR A 177 16.02 13.52 -23.10
C TYR A 177 16.54 12.15 -22.94
N TYR A 178 16.54 11.65 -21.70
CA TYR A 178 17.07 10.32 -21.40
C TYR A 178 16.54 9.23 -22.29
N ILE A 179 15.27 9.30 -22.63
CA ILE A 179 14.63 8.26 -23.46
C ILE A 179 15.17 8.27 -24.86
N ALA A 180 15.32 9.47 -25.42
CA ALA A 180 15.87 9.64 -26.76
C ALA A 180 17.30 9.11 -26.78
N LYS A 181 18.18 9.73 -26.01
CA LYS A 181 19.62 9.48 -26.07
C LYS A 181 20.02 8.05 -25.60
N TYR A 182 19.31 7.48 -24.61
CA TYR A 182 19.71 6.20 -23.95
C TYR A 182 18.80 4.96 -24.09
N SER A 183 18.14 4.78 -25.24
CA SER A 183 17.43 3.51 -25.51
C SER A 183 18.23 2.63 -26.49
N ALA A 184 17.85 1.36 -26.58
CA ALA A 184 18.59 0.37 -27.36
C ALA A 184 17.77 -0.91 -27.49
N TYR A 185 18.29 -1.94 -28.14
CA TYR A 185 17.61 -3.22 -28.26
C TYR A 185 18.34 -4.24 -27.42
N ASN B 28 -35.73 -11.34 32.41
CA ASN B 28 -35.18 -10.63 33.60
C ASN B 28 -34.61 -9.26 33.16
N GLY B 29 -33.51 -8.83 33.76
CA GLY B 29 -32.78 -7.63 33.33
C GLY B 29 -31.50 -8.04 32.64
N GLN B 30 -31.37 -7.62 31.38
CA GLN B 30 -30.21 -8.01 30.59
C GLN B 30 -29.48 -6.86 29.85
N SER B 31 -28.14 -7.03 29.74
CA SER B 31 -27.15 -6.13 29.16
C SER B 31 -26.59 -5.23 30.21
N VAL B 32 -25.65 -5.78 30.96
CA VAL B 32 -24.96 -5.01 32.00
C VAL B 32 -23.45 -5.18 31.87
N SER B 33 -22.75 -4.07 31.92
CA SER B 33 -21.27 -4.05 31.99
C SER B 33 -20.90 -3.77 33.45
N LEU B 34 -20.10 -4.63 34.04
CA LEU B 34 -19.76 -4.48 35.44
C LEU B 34 -18.28 -4.27 35.59
N VAL B 35 -17.85 -3.10 36.04
CA VAL B 35 -16.42 -2.89 36.21
C VAL B 35 -16.10 -2.97 37.69
N LEU B 36 -15.20 -3.90 37.95
CA LEU B 36 -14.73 -4.26 39.27
C LEU B 36 -13.28 -3.81 39.51
N THR B 37 -13.11 -2.81 40.37
CA THR B 37 -11.87 -2.60 41.09
C THR B 37 -11.77 -3.61 42.25
N GLN B 38 -10.55 -3.80 42.76
CA GLN B 38 -10.30 -4.39 44.09
C GLN B 38 -11.44 -4.18 45.12
N LYS B 39 -11.86 -2.95 45.29
CA LYS B 39 -12.82 -2.56 46.30
C LYS B 39 -14.19 -3.02 45.87
N ASP B 40 -14.59 -2.69 44.66
CA ASP B 40 -15.90 -3.11 44.16
C ASP B 40 -16.19 -4.61 44.29
N LEU B 41 -15.13 -5.39 44.28
CA LEU B 41 -15.14 -6.87 44.37
C LEU B 41 -16.01 -7.53 45.45
N ASP B 42 -16.27 -6.84 46.56
CA ASP B 42 -17.22 -7.25 47.61
C ASP B 42 -18.64 -7.41 47.11
N PHE B 43 -19.05 -6.51 46.22
CA PHE B 43 -20.38 -6.60 45.59
C PHE B 43 -20.52 -7.69 44.54
N PHE B 44 -19.52 -8.53 44.30
CA PHE B 44 -19.61 -9.56 43.25
C PHE B 44 -20.07 -10.91 43.82
N SER B 45 -20.70 -11.71 42.95
CA SER B 45 -21.03 -13.08 43.30
C SER B 45 -20.97 -13.95 42.06
N ALA B 46 -20.28 -15.08 42.18
CA ALA B 46 -20.31 -16.11 41.14
C ALA B 46 -21.69 -16.27 40.55
N ALA B 47 -22.70 -16.14 41.40
CA ALA B 47 -24.10 -16.24 40.97
C ALA B 47 -24.45 -15.40 39.73
N TYR B 48 -23.98 -14.15 39.69
CA TYR B 48 -24.38 -13.23 38.63
C TYR B 48 -24.03 -13.73 37.22
N LEU B 49 -22.84 -14.28 37.06
CA LEU B 49 -22.34 -14.81 35.78
C LEU B 49 -23.02 -16.09 35.38
N ASN B 50 -23.33 -16.94 36.35
CA ASN B 50 -24.14 -18.15 36.09
C ASN B 50 -25.46 -17.76 35.47
N GLU B 51 -26.10 -16.74 36.05
CA GLU B 51 -27.49 -16.47 35.74
C GLU B 51 -27.71 -15.53 34.58
N TYR B 52 -26.86 -14.53 34.37
CA TYR B 52 -26.96 -13.62 33.21
C TYR B 52 -25.88 -13.81 32.09
N PRO B 53 -26.26 -14.35 30.90
CA PRO B 53 -25.24 -14.41 29.80
C PRO B 53 -24.83 -13.03 29.27
N ASN B 54 -25.75 -12.06 29.29
CA ASN B 54 -25.44 -10.64 29.00
C ASN B 54 -24.87 -9.79 30.17
N LEU B 55 -24.17 -10.41 31.08
CA LEU B 55 -23.42 -9.67 32.05
C LEU B 55 -22.04 -9.80 31.54
N THR B 56 -21.28 -8.74 31.71
CA THR B 56 -19.94 -8.70 31.18
C THR B 56 -19.13 -7.93 32.19
N VAL B 57 -18.08 -8.56 32.68
CA VAL B 57 -17.28 -8.03 33.78
C VAL B 57 -15.91 -7.52 33.26
N ILE B 58 -15.55 -6.33 33.72
CA ILE B 58 -14.35 -5.64 33.30
C ILE B 58 -13.47 -5.40 34.54
N LEU B 59 -12.34 -6.10 34.61
CA LEU B 59 -11.45 -5.96 35.77
C LEU B 59 -10.46 -4.80 35.59
N HIS B 60 -10.38 -3.98 36.63
CA HIS B 60 -9.32 -3.01 36.82
C HIS B 60 -7.98 -3.73 36.61
N PRO B 61 -6.91 -2.98 36.25
CA PRO B 61 -5.57 -3.57 36.22
C PRO B 61 -5.22 -4.25 37.55
N SER B 62 -5.65 -3.64 38.66
CA SER B 62 -5.39 -4.15 40.03
C SER B 62 -5.86 -5.57 40.23
N VAL B 63 -6.94 -5.97 39.57
CA VAL B 63 -7.50 -7.31 39.68
C VAL B 63 -7.05 -8.24 38.56
N ASP B 64 -6.29 -9.26 38.92
CA ASP B 64 -5.84 -10.27 37.96
C ASP B 64 -6.99 -11.16 37.53
N LYS B 65 -7.09 -11.41 36.23
CA LYS B 65 -8.18 -12.18 35.71
C LYS B 65 -8.11 -13.61 36.20
N SER B 66 -6.97 -14.29 36.05
CA SER B 66 -6.96 -15.72 36.32
C SER B 66 -7.13 -16.07 37.83
N GLU B 67 -6.70 -15.16 38.71
CA GLU B 67 -6.90 -15.28 40.17
C GLU B 67 -8.38 -15.16 40.47
N PHE B 68 -8.97 -14.11 39.90
CA PHE B 68 -10.42 -13.85 40.02
C PHE B 68 -11.28 -15.04 39.60
N LEU B 69 -10.89 -15.73 38.55
CA LEU B 69 -11.66 -16.85 38.05
C LEU B 69 -11.64 -18.08 38.99
N SER B 70 -10.55 -18.34 39.69
CA SER B 70 -10.53 -19.53 40.55
C SER B 70 -11.08 -19.19 41.92
N ARG B 71 -10.93 -17.91 42.29
CA ARG B 71 -11.44 -17.40 43.55
C ARG B 71 -12.95 -17.41 43.58
N PHE B 72 -13.60 -17.25 42.43
CA PHE B 72 -15.09 -17.33 42.37
C PHE B 72 -15.64 -18.54 41.60
N ASN B 73 -14.80 -19.54 41.28
CA ASN B 73 -15.19 -20.68 40.44
C ASN B 73 -16.01 -20.27 39.22
N VAL B 74 -15.53 -19.28 38.48
CA VAL B 74 -16.20 -18.85 37.23
C VAL B 74 -15.35 -19.14 35.98
N GLN B 75 -14.54 -20.18 36.00
CA GLN B 75 -13.73 -20.61 34.85
C GLN B 75 -14.60 -20.78 33.59
N ARG B 76 -15.80 -21.32 33.78
CA ARG B 76 -16.73 -21.58 32.68
C ARG B 76 -17.13 -20.31 31.95
N ASN B 77 -17.10 -19.17 32.62
CA ASN B 77 -17.40 -17.86 32.05
C ASN B 77 -16.15 -17.00 31.83
N SER B 78 -15.05 -17.61 31.36
CA SER B 78 -13.83 -16.84 31.11
C SER B 78 -14.10 -15.65 30.16
N HIS B 79 -14.78 -15.94 29.05
CA HIS B 79 -15.00 -14.99 27.99
C HIS B 79 -15.79 -13.77 28.42
N GLN B 80 -16.69 -13.94 29.38
CA GLN B 80 -17.52 -12.82 29.89
C GLN B 80 -16.75 -11.84 30.72
N VAL B 81 -15.50 -12.17 31.05
CA VAL B 81 -14.66 -11.36 31.93
C VAL B 81 -13.52 -10.76 31.12
N ILE B 82 -13.23 -9.48 31.31
CA ILE B 82 -12.30 -8.76 30.43
C ILE B 82 -11.19 -8.07 31.23
N GLN B 83 -9.99 -8.61 31.11
CA GLN B 83 -8.81 -8.05 31.78
C GLN B 83 -8.37 -6.83 31.02
N VAL B 84 -8.39 -5.70 31.71
CA VAL B 84 -7.94 -4.43 31.18
C VAL B 84 -6.63 -4.13 31.90
N ARG B 85 -5.76 -3.35 31.24
CA ARG B 85 -4.41 -3.03 31.72
C ARG B 85 -4.14 -1.59 32.08
N THR B 86 -4.98 -0.66 31.59
CA THR B 86 -4.95 0.75 32.04
C THR B 86 -6.38 1.18 32.41
N GLU B 87 -6.53 2.07 33.36
CA GLU B 87 -7.83 2.64 33.67
C GLU B 87 -8.54 3.25 32.46
N GLU B 88 -7.80 3.98 31.62
CA GLU B 88 -8.36 4.56 30.40
C GLU B 88 -9.07 3.48 29.58
N SER B 89 -8.38 2.37 29.37
CA SER B 89 -8.96 1.28 28.60
C SER B 89 -10.36 0.90 29.02
N ILE B 90 -10.67 1.06 30.31
CA ILE B 90 -12.01 0.75 30.84
C ILE B 90 -13.06 1.42 29.97
N PHE B 91 -12.93 2.73 29.80
CA PHE B 91 -13.92 3.53 29.11
C PHE B 91 -14.06 3.09 27.64
N HIS B 92 -12.96 2.73 27.02
CA HIS B 92 -13.03 2.23 25.65
C HIS B 92 -13.75 0.89 25.60
N VAL B 93 -13.46 0.04 26.58
CA VAL B 93 -14.14 -1.25 26.67
C VAL B 93 -15.66 -1.08 26.91
N LEU B 94 -16.01 -0.14 27.77
N LEU B 94 -16.01 -0.14 27.77
CA LEU B 94 -17.42 0.16 28.04
CA LEU B 94 -17.42 0.16 28.04
C LEU B 94 -18.11 0.62 26.77
C LEU B 94 -18.11 0.62 26.77
N LYS B 95 -17.48 1.60 26.10
CA LYS B 95 -17.99 2.18 24.83
C LYS B 95 -18.04 1.18 23.72
N GLN B 96 -17.08 0.27 23.66
CA GLN B 96 -17.13 -0.80 22.69
C GLN B 96 -18.27 -1.73 23.00
N LEU B 97 -18.46 -2.10 24.27
CA LEU B 97 -19.54 -3.06 24.65
C LEU B 97 -20.93 -2.45 24.46
N SER B 98 -21.06 -1.18 24.86
CA SER B 98 -22.35 -0.45 24.87
C SER B 98 -23.50 -1.18 25.58
N SER B 99 -23.29 -1.60 26.83
CA SER B 99 -24.35 -2.28 27.53
C SER B 99 -25.46 -1.28 27.94
N ASN B 100 -26.69 -1.78 28.04
CA ASN B 100 -27.81 -0.98 28.61
C ASN B 100 -27.54 -0.39 29.98
N ILE B 101 -26.88 -1.17 30.84
CA ILE B 101 -26.60 -0.78 32.23
C ILE B 101 -25.08 -0.80 32.45
N ASN B 102 -24.58 0.23 33.10
CA ASN B 102 -23.18 0.37 33.23
C ASN B 102 -22.94 0.68 34.69
N LEU B 103 -22.38 -0.33 35.37
CA LEU B 103 -22.03 -0.22 36.76
C LEU B 103 -20.53 -0.06 36.90
N ILE B 104 -20.14 1.04 37.53
CA ILE B 104 -18.78 1.45 37.70
C ILE B 104 -18.74 2.55 38.76
N THR B 105 -17.93 2.35 39.81
CA THR B 105 -17.75 3.43 40.77
C THR B 105 -16.55 4.19 40.26
N LEU B 106 -16.78 5.39 39.73
CA LEU B 106 -15.71 6.24 39.24
C LEU B 106 -14.81 6.69 40.39
N GLY B 107 -15.41 6.96 41.54
CA GLY B 107 -14.64 7.29 42.77
C GLY B 107 -13.62 6.26 43.23
N ASN B 108 -13.69 5.03 42.74
CA ASN B 108 -12.68 4.00 43.04
C ASN B 108 -11.58 3.88 42.01
N LEU B 109 -11.51 4.80 41.06
CA LEU B 109 -10.38 4.88 40.17
C LEU B 109 -9.29 5.76 40.81
N GLU B 110 -8.04 5.62 40.35
CA GLU B 110 -7.03 6.68 40.49
C GLU B 110 -7.13 7.49 39.20
N MET B 111 -7.81 8.63 39.22
CA MET B 111 -8.01 9.45 37.98
C MET B 111 -8.89 10.57 38.42
N SER B 112 -9.02 11.73 37.76
CA SER B 112 -9.90 12.77 38.39
C SER B 112 -10.77 13.78 37.59
N ALA B 113 -10.19 14.87 37.06
CA ALA B 113 -10.86 15.70 36.05
C ALA B 113 -10.78 15.04 34.64
N ASN B 114 -10.54 13.72 34.56
CA ASN B 114 -10.73 12.91 33.34
C ASN B 114 -12.20 12.43 33.24
N GLU B 115 -13.03 13.42 33.07
CA GLU B 115 -14.38 13.32 32.62
C GLU B 115 -14.28 13.88 31.20
N VAL B 116 -13.34 13.32 30.46
CA VAL B 116 -13.15 13.62 29.07
C VAL B 116 -14.14 12.70 28.38
N GLU B 117 -14.15 11.44 28.79
CA GLU B 117 -14.92 10.38 28.15
C GLU B 117 -16.50 10.50 28.02
N THR B 118 -17.33 10.27 29.05
CA THR B 118 -18.75 10.78 29.17
C THR B 118 -20.06 9.88 28.95
N PHE B 119 -20.86 10.32 27.98
CA PHE B 119 -22.33 10.27 27.84
C PHE B 119 -22.82 9.26 26.81
N HIS B 120 -21.90 8.55 26.16
CA HIS B 120 -22.17 7.50 25.13
C HIS B 120 -22.83 6.24 25.73
N LEU B 121 -22.77 6.08 27.06
CA LEU B 121 -23.31 4.94 27.77
C LEU B 121 -24.71 5.20 28.35
N ASP B 122 -25.61 4.25 28.14
CA ASP B 122 -26.98 4.30 28.70
C ASP B 122 -26.84 3.83 30.14
N LYS B 123 -27.30 4.62 31.12
CA LYS B 123 -27.61 4.14 32.50
C LYS B 123 -26.36 3.80 33.29
N PHE B 124 -25.52 4.80 33.47
CA PHE B 124 -24.32 4.65 34.32
C PHE B 124 -24.63 4.98 35.80
N LEU B 125 -24.35 4.01 36.64
CA LEU B 125 -24.58 4.15 38.09
C LEU B 125 -23.49 3.39 38.84
N THR B 126 -23.13 3.91 40.04
CA THR B 126 -22.14 3.27 40.92
C THR B 126 -22.40 1.79 41.08
N ASN B 127 -21.36 0.98 41.12
CA ASN B 127 -21.50 -0.46 41.35
C ASN B 127 -22.19 -0.82 42.68
N VAL B 128 -22.15 0.10 43.64
CA VAL B 128 -22.85 0.02 44.94
C VAL B 128 -24.35 -0.33 44.77
N HIS B 129 -25.00 0.08 43.69
CA HIS B 129 -26.41 -0.27 43.41
C HIS B 129 -26.61 -1.67 42.79
N GLU B 130 -25.71 -2.59 43.09
CA GLU B 130 -25.57 -3.80 42.34
C GLU B 130 -26.86 -4.56 42.07
N VAL B 131 -27.59 -4.95 43.11
CA VAL B 131 -28.82 -5.77 42.91
C VAL B 131 -30.01 -4.99 42.28
N ASP B 132 -30.02 -3.66 42.33
CA ASP B 132 -31.24 -2.90 42.10
C ASP B 132 -31.00 -1.72 41.20
N GLY C 29 33.13 11.16 -27.44
CA GLY C 29 32.41 11.39 -26.15
C GLY C 29 33.05 12.53 -25.40
N GLN C 30 32.39 13.68 -25.35
CA GLN C 30 32.99 14.93 -24.87
C GLN C 30 31.89 15.72 -24.14
N SER C 31 31.46 15.27 -22.95
CA SER C 31 30.11 15.69 -22.38
C SER C 31 29.99 17.13 -21.89
N VAL C 32 29.12 17.95 -22.47
CA VAL C 32 29.05 19.35 -22.09
C VAL C 32 27.60 19.76 -21.85
N SER C 33 27.38 20.44 -20.73
CA SER C 33 26.09 21.08 -20.45
C SER C 33 26.24 22.56 -20.75
N LEU C 34 25.37 23.10 -21.59
CA LEU C 34 25.48 24.50 -21.97
C LEU C 34 24.27 25.26 -21.52
N VAL C 35 24.43 26.20 -20.61
CA VAL C 35 23.25 26.96 -20.20
C VAL C 35 23.30 28.32 -20.83
N LEU C 36 22.21 28.59 -21.55
CA LEU C 36 22.04 29.81 -22.34
C LEU C 36 20.95 30.69 -21.74
N THR C 37 21.35 31.83 -21.19
CA THR C 37 20.47 32.99 -21.06
C THR C 37 20.33 33.71 -22.41
N GLN C 38 19.32 34.56 -22.53
CA GLN C 38 19.24 35.62 -23.55
C GLN C 38 20.59 36.15 -24.04
N LYS C 39 21.46 36.54 -23.13
CA LYS C 39 22.73 37.17 -23.45
C LYS C 39 23.67 36.12 -23.96
N ASP C 40 23.83 35.03 -23.23
CA ASP C 40 24.73 33.95 -23.68
C ASP C 40 24.48 33.46 -25.11
N LEU C 41 23.23 33.59 -25.53
CA LEU C 41 22.70 33.13 -26.83
C LEU C 41 23.49 33.51 -28.10
N ASP C 42 24.23 34.62 -28.08
CA ASP C 42 25.02 34.96 -29.28
C ASP C 42 26.27 34.08 -29.39
N PHE C 43 26.78 33.52 -28.29
CA PHE C 43 27.81 32.48 -28.37
C PHE C 43 27.31 31.11 -28.83
N PHE C 44 26.06 30.98 -29.25
CA PHE C 44 25.55 29.70 -29.76
C PHE C 44 25.64 29.62 -31.28
N SER C 45 25.74 28.39 -31.77
CA SER C 45 25.66 28.13 -33.16
C SER C 45 25.02 26.77 -33.39
N ALA C 46 24.03 26.75 -34.26
CA ALA C 46 23.44 25.52 -34.74
C ALA C 46 24.49 24.45 -34.98
N ALA C 47 25.66 24.86 -35.43
CA ALA C 47 26.76 23.93 -35.66
C ALA C 47 27.06 22.99 -34.48
N TYR C 48 27.07 23.54 -33.26
CA TYR C 48 27.46 22.76 -32.08
C TYR C 48 26.62 21.52 -31.86
N LEU C 49 25.29 21.66 -32.00
CA LEU C 49 24.34 20.55 -31.82
C LEU C 49 24.40 19.51 -32.93
N ASN C 50 24.63 19.96 -34.17
CA ASN C 50 24.89 19.05 -35.28
C ASN C 50 26.06 18.13 -34.94
N GLU C 51 27.13 18.73 -34.45
CA GLU C 51 28.44 18.05 -34.44
C GLU C 51 28.69 17.27 -33.15
N TYR C 52 28.22 17.74 -31.99
CA TYR C 52 28.43 17.02 -30.70
C TYR C 52 27.14 16.33 -30.11
N PRO C 53 27.09 14.96 -30.14
CA PRO C 53 25.92 14.27 -29.59
C PRO C 53 25.73 14.46 -28.09
N ASN C 54 26.84 14.50 -27.35
CA ASN C 54 26.85 14.76 -25.91
C ASN C 54 26.86 16.22 -25.49
N LEU C 55 26.30 17.10 -26.32
CA LEU C 55 26.12 18.47 -25.90
C LEU C 55 24.68 18.50 -25.51
N THR C 56 24.37 19.28 -24.49
CA THR C 56 23.04 19.34 -23.97
C THR C 56 22.86 20.78 -23.53
N VAL C 57 21.81 21.40 -24.04
CA VAL C 57 21.56 22.81 -23.82
C VAL C 57 20.39 23.04 -22.84
N ILE C 58 20.60 23.96 -21.92
CA ILE C 58 19.64 24.30 -20.90
C ILE C 58 19.23 25.78 -21.05
N LEU C 59 17.99 26.03 -21.43
CA LEU C 59 17.54 27.42 -21.61
C LEU C 59 17.03 28.03 -20.30
N HIS C 60 17.51 29.22 -20.01
CA HIS C 60 16.93 30.10 -19.00
C HIS C 60 15.42 30.21 -19.27
N PRO C 61 14.63 30.53 -18.22
CA PRO C 61 13.22 30.86 -18.43
C PRO C 61 13.03 31.95 -19.47
N SER C 62 13.94 32.94 -19.50
CA SER C 62 13.88 34.05 -20.47
C SER C 62 13.84 33.61 -21.92
N VAL C 63 14.49 32.48 -22.22
CA VAL C 63 14.54 31.93 -23.57
C VAL C 63 13.49 30.84 -23.78
N ASP C 64 12.52 31.11 -24.65
CA ASP C 64 11.53 30.12 -25.05
C ASP C 64 12.14 29.02 -25.93
N LYS C 65 11.80 27.77 -25.63
CA LYS C 65 12.38 26.65 -26.33
C LYS C 65 11.98 26.64 -27.77
N SER C 66 10.69 26.73 -28.07
CA SER C 66 10.26 26.50 -29.44
C SER C 66 10.71 27.64 -30.42
N GLU C 67 10.86 28.86 -29.90
CA GLU C 67 11.36 29.98 -30.71
C GLU C 67 12.83 29.80 -30.95
N PHE C 68 13.58 29.40 -29.92
CA PHE C 68 15.01 29.05 -30.05
C PHE C 68 15.27 27.99 -31.12
N LEU C 69 14.40 27.00 -31.21
CA LEU C 69 14.62 25.94 -32.16
C LEU C 69 14.40 26.37 -33.62
N SER C 70 13.51 27.31 -33.90
CA SER C 70 13.29 27.69 -35.29
C SER C 70 14.27 28.80 -35.68
N ARG C 71 14.67 29.56 -34.68
CA ARG C 71 15.64 30.63 -34.87
C ARG C 71 17.02 30.09 -35.22
N PHE C 72 17.36 28.88 -34.79
CA PHE C 72 18.64 28.26 -35.21
C PHE C 72 18.50 26.99 -36.06
N ASN C 73 17.30 26.72 -36.57
CA ASN C 73 17.01 25.48 -37.29
C ASN C 73 17.57 24.24 -36.61
N VAL C 74 17.34 24.09 -35.32
CA VAL C 74 17.78 22.90 -34.59
C VAL C 74 16.62 22.01 -34.07
N GLN C 75 15.50 22.01 -34.79
CA GLN C 75 14.36 21.16 -34.50
C GLN C 75 14.76 19.69 -34.36
N ARG C 76 15.70 19.23 -35.18
CA ARG C 76 16.16 17.84 -35.16
C ARG C 76 16.69 17.40 -33.80
N ASN C 77 17.25 18.36 -33.06
CA ASN C 77 17.83 18.14 -31.73
C ASN C 77 16.95 18.74 -30.62
N SER C 78 15.63 18.58 -30.73
CA SER C 78 14.73 18.99 -29.65
C SER C 78 15.13 18.40 -28.30
N HIS C 79 15.38 17.10 -28.28
CA HIS C 79 15.64 16.38 -27.03
C HIS C 79 16.87 16.83 -26.31
N GLN C 80 17.88 17.29 -27.05
CA GLN C 80 19.13 17.78 -26.48
C GLN C 80 18.98 19.13 -25.81
N VAL C 81 17.82 19.77 -25.94
CA VAL C 81 17.56 21.11 -25.39
C VAL C 81 16.55 21.01 -24.27
N ILE C 82 16.77 21.72 -23.16
CA ILE C 82 15.93 21.55 -21.95
C ILE C 82 15.39 22.89 -21.44
N GLN C 83 14.10 23.09 -21.63
CA GLN C 83 13.40 24.30 -21.18
C GLN C 83 13.20 24.21 -19.70
N VAL C 84 13.79 25.16 -18.99
CA VAL C 84 13.66 25.31 -17.57
C VAL C 84 12.77 26.53 -17.33
N ARG C 85 12.10 26.57 -16.18
CA ARG C 85 11.13 27.62 -15.81
C ARG C 85 11.51 28.48 -14.61
N THR C 86 12.44 28.03 -13.76
CA THR C 86 13.02 28.86 -12.69
C THR C 86 14.55 28.80 -12.76
N GLU C 87 15.24 29.87 -12.38
CA GLU C 87 16.69 29.81 -12.31
C GLU C 87 17.24 28.66 -11.44
N GLU C 88 16.60 28.43 -10.29
CA GLU C 88 17.02 27.35 -9.40
C GLU C 88 17.07 26.04 -10.17
N SER C 89 16.00 25.76 -10.91
CA SER C 89 15.93 24.51 -11.68
C SER C 89 17.18 24.23 -12.49
N ILE C 90 17.85 25.30 -12.95
CA ILE C 90 19.08 25.15 -13.77
C ILE C 90 20.02 24.19 -13.08
N PHE C 91 20.32 24.51 -11.81
CA PHE C 91 21.33 23.79 -11.04
C PHE C 91 20.91 22.34 -10.81
N HIS C 92 19.62 22.11 -10.60
CA HIS C 92 19.15 20.74 -10.48
C HIS C 92 19.31 19.99 -11.78
N VAL C 93 19.03 20.67 -12.89
CA VAL C 93 19.19 20.06 -14.19
C VAL C 93 20.66 19.74 -14.48
N LEU C 94 21.56 20.66 -14.12
N LEU C 94 21.55 20.67 -14.17
CA LEU C 94 22.99 20.44 -14.30
CA LEU C 94 22.98 20.43 -14.34
C LEU C 94 23.45 19.23 -13.48
C LEU C 94 23.45 19.24 -13.48
N LYS C 95 23.04 19.22 -12.20
CA LYS C 95 23.37 18.15 -11.25
C LYS C 95 22.77 16.83 -11.64
N GLN C 96 21.57 16.85 -12.20
CA GLN C 96 20.98 15.62 -12.71
C GLN C 96 21.77 15.14 -13.90
N LEU C 97 22.14 16.05 -14.84
CA LEU C 97 22.84 15.64 -16.07
C LEU C 97 24.24 15.14 -15.76
N SER C 98 24.93 15.86 -14.88
CA SER C 98 26.34 15.60 -14.52
C SER C 98 27.29 15.53 -15.73
N SER C 99 27.28 16.56 -16.57
CA SER C 99 28.18 16.58 -17.70
C SER C 99 29.62 16.83 -17.22
N ASN C 100 30.58 16.29 -17.95
CA ASN C 100 32.02 16.51 -17.72
C ASN C 100 32.40 18.00 -17.73
N ILE C 101 31.77 18.79 -18.62
CA ILE C 101 32.04 20.23 -18.76
C ILE C 101 30.76 21.02 -18.56
N ASN C 102 30.83 22.09 -17.81
CA ASN C 102 29.61 22.79 -17.46
C ASN C 102 29.83 24.25 -17.74
N LEU C 103 29.21 24.74 -18.80
CA LEU C 103 29.34 26.12 -19.23
C LEU C 103 28.11 26.90 -18.85
N ILE C 104 28.34 27.96 -18.09
CA ILE C 104 27.27 28.77 -17.53
C ILE C 104 27.85 30.09 -17.04
N THR C 105 27.32 31.22 -17.50
CA THR C 105 27.74 32.50 -16.90
C THR C 105 26.78 32.73 -15.76
N LEU C 106 27.27 32.59 -14.54
CA LEU C 106 26.45 32.84 -13.36
C LEU C 106 26.12 34.31 -13.25
N GLY C 107 27.05 35.18 -13.65
CA GLY C 107 26.83 36.63 -13.73
C GLY C 107 25.64 37.10 -14.55
N ASN C 108 25.15 36.25 -15.45
CA ASN C 108 23.95 36.57 -16.24
C ASN C 108 22.64 36.10 -15.65
N LEU C 109 22.67 35.56 -14.44
CA LEU C 109 21.44 35.23 -13.72
C LEU C 109 20.94 36.46 -12.94
N GLU C 110 19.64 36.47 -12.62
CA GLU C 110 19.03 37.49 -11.77
C GLU C 110 19.25 37.16 -10.28
N MET C 111 19.18 35.89 -9.91
CA MET C 111 19.69 35.40 -8.63
C MET C 111 21.19 35.69 -8.43
N SER C 112 21.61 35.97 -7.20
CA SER C 112 23.04 36.08 -6.92
C SER C 112 23.35 35.79 -5.47
N ALA C 113 24.64 35.55 -5.21
CA ALA C 113 25.15 35.12 -3.88
C ALA C 113 24.52 33.81 -3.36
N ASN C 114 23.60 33.19 -4.14
CA ASN C 114 23.08 31.85 -3.88
C ASN C 114 24.04 30.98 -4.68
N GLU C 115 25.20 30.78 -4.07
CA GLU C 115 26.08 29.68 -4.39
C GLU C 115 25.85 28.73 -3.24
N VAL C 116 24.58 28.48 -2.93
CA VAL C 116 24.17 27.71 -1.77
C VAL C 116 24.36 26.27 -2.20
N GLU C 117 23.87 25.95 -3.39
CA GLU C 117 24.29 24.80 -4.18
C GLU C 117 25.85 24.89 -4.48
N THR C 118 26.50 23.79 -4.90
CA THR C 118 27.99 23.72 -4.88
C THR C 118 28.79 23.39 -6.18
N PHE C 119 30.02 22.88 -5.92
CA PHE C 119 30.82 21.97 -6.78
C PHE C 119 30.57 20.40 -6.60
N HIS C 120 29.33 19.98 -6.91
CA HIS C 120 29.04 18.61 -7.46
C HIS C 120 29.53 18.44 -8.90
N LEU C 121 29.71 19.55 -9.63
CA LEU C 121 29.90 19.53 -11.10
C LEU C 121 31.39 19.56 -11.51
N ASP C 122 31.77 18.67 -12.43
CA ASP C 122 33.15 18.58 -12.92
C ASP C 122 33.31 19.71 -13.93
N LYS C 123 34.33 20.56 -13.74
CA LYS C 123 34.86 21.50 -14.77
C LYS C 123 33.86 22.58 -15.17
N PHE C 124 33.41 23.36 -14.18
CA PHE C 124 32.54 24.48 -14.50
C PHE C 124 33.50 25.45 -15.17
N LEU C 125 33.07 26.14 -16.21
CA LEU C 125 33.73 27.35 -16.66
C LEU C 125 32.64 28.31 -17.16
N THR C 126 32.91 29.61 -17.01
CA THR C 126 32.07 30.66 -17.61
C THR C 126 31.84 30.37 -19.11
N ASN C 127 30.62 30.68 -19.55
CA ASN C 127 30.15 30.29 -20.85
C ASN C 127 30.97 30.86 -22.03
N VAL C 128 31.67 31.97 -21.78
CA VAL C 128 32.53 32.62 -22.77
C VAL C 128 33.60 31.64 -23.36
N HIS C 129 34.04 30.66 -22.56
CA HIS C 129 35.03 29.67 -23.01
C HIS C 129 34.43 28.48 -23.70
N GLU C 130 33.29 28.68 -24.35
CA GLU C 130 32.77 27.70 -25.28
C GLU C 130 33.84 27.11 -26.22
N VAL C 131 34.53 27.99 -26.92
CA VAL C 131 35.40 27.70 -28.07
C VAL C 131 36.59 26.75 -27.81
N ASP C 132 37.01 26.70 -26.54
CA ASP C 132 37.95 25.69 -26.02
C ASP C 132 37.43 24.23 -26.18
N ARG C 133 36.10 24.02 -26.05
CA ARG C 133 35.43 22.77 -26.47
C ARG C 133 34.17 23.13 -27.29
N ALA D 4 -19.32 -6.30 -20.74
CA ALA D 4 -19.20 -7.45 -21.72
C ALA D 4 -18.07 -8.40 -21.31
N SER D 5 -16.92 -7.80 -21.07
CA SER D 5 -15.68 -8.52 -20.78
C SER D 5 -15.62 -9.11 -19.36
N THR D 6 -15.88 -8.27 -18.38
CA THR D 6 -15.73 -8.59 -16.94
C THR D 6 -16.13 -10.02 -16.54
N GLU D 7 -17.28 -10.42 -17.01
CA GLU D 7 -17.85 -11.76 -16.78
C GLU D 7 -16.93 -12.90 -17.16
N LYS D 8 -16.15 -12.79 -18.24
CA LYS D 8 -15.13 -13.80 -18.59
C LYS D 8 -14.07 -13.92 -17.49
N ARG D 9 -13.63 -12.77 -16.98
CA ARG D 9 -12.62 -12.77 -15.94
C ARG D 9 -13.15 -13.41 -14.67
N LEU D 10 -14.26 -12.87 -14.21
CA LEU D 10 -14.96 -13.34 -13.03
C LEU D 10 -15.14 -14.83 -13.10
N LEU D 11 -15.59 -15.35 -14.23
CA LEU D 11 -15.68 -16.79 -14.33
C LEU D 11 -14.31 -17.45 -14.16
N LYS D 12 -13.26 -16.86 -14.74
CA LYS D 12 -11.88 -17.41 -14.64
C LYS D 12 -11.40 -17.39 -13.19
N GLU D 13 -11.60 -16.27 -12.50
CA GLU D 13 -11.34 -16.20 -11.04
C GLU D 13 -12.03 -17.27 -10.22
N TYR D 14 -13.25 -17.63 -10.61
CA TYR D 14 -13.99 -18.67 -9.91
C TYR D 14 -13.38 -20.04 -10.14
N ARG D 15 -13.11 -20.38 -11.39
CA ARG D 15 -12.50 -21.68 -11.75
C ARG D 15 -11.18 -21.90 -11.00
N ALA D 16 -10.39 -20.82 -10.97
CA ALA D 16 -9.12 -20.79 -10.31
C ALA D 16 -9.24 -21.20 -8.86
N VAL D 17 -10.12 -20.50 -8.14
CA VAL D 17 -10.28 -20.72 -6.71
C VAL D 17 -11.02 -22.03 -6.48
N LYS D 18 -12.01 -22.37 -7.29
CA LYS D 18 -12.57 -23.71 -7.24
C LYS D 18 -11.46 -24.72 -7.17
N LYS D 19 -10.63 -24.78 -8.19
CA LYS D 19 -9.56 -25.77 -8.29
C LYS D 19 -8.57 -25.73 -7.12
N GLU D 20 -8.25 -24.53 -6.64
CA GLU D 20 -7.18 -24.34 -5.65
C GLU D 20 -7.60 -24.97 -4.29
N LEU D 21 -8.89 -24.83 -3.95
CA LEU D 21 -9.44 -25.32 -2.65
C LEU D 21 -9.64 -26.83 -2.63
N THR D 22 -9.85 -27.43 -3.80
CA THR D 22 -9.95 -28.88 -3.91
C THR D 22 -8.62 -29.59 -3.60
N GLU D 23 -7.49 -28.89 -3.71
CA GLU D 23 -6.18 -29.47 -3.36
C GLU D 23 -5.78 -29.19 -1.91
N LYS D 24 -5.31 -30.25 -1.24
CA LYS D 24 -5.08 -30.25 0.22
C LYS D 24 -3.85 -29.46 0.61
N ARG D 25 -2.77 -29.65 -0.16
CA ARG D 25 -1.47 -29.04 0.20
C ARG D 25 -1.24 -27.67 -0.46
N SER D 26 -2.19 -27.20 -1.27
CA SER D 26 -2.08 -25.87 -1.92
C SER D 26 -1.89 -24.71 -0.92
N PRO D 27 -1.15 -23.63 -1.31
CA PRO D 27 -0.89 -22.58 -0.33
C PRO D 27 -2.11 -21.76 0.04
N ILE D 28 -3.22 -21.92 -0.70
CA ILE D 28 -4.51 -21.22 -0.45
C ILE D 28 -4.94 -21.29 1.01
N HIS D 29 -4.74 -22.43 1.62
CA HIS D 29 -5.27 -22.67 2.94
C HIS D 29 -4.56 -21.83 3.99
N ASP D 30 -3.23 -21.79 3.96
CA ASP D 30 -2.47 -20.96 4.91
C ASP D 30 -2.66 -19.45 4.69
N THR D 31 -3.32 -19.06 3.59
CA THR D 31 -3.75 -17.66 3.37
C THR D 31 -4.99 -17.25 4.16
N GLY D 32 -5.74 -18.24 4.65
CA GLY D 32 -6.95 -18.00 5.45
C GLY D 32 -8.26 -18.19 4.70
N ILE D 33 -8.21 -18.58 3.43
CA ILE D 33 -9.41 -18.60 2.64
C ILE D 33 -10.03 -19.97 2.70
N VAL D 34 -11.20 -20.02 3.34
CA VAL D 34 -11.93 -21.26 3.56
C VAL D 34 -12.87 -21.55 2.42
N ASP D 35 -13.59 -20.53 1.95
CA ASP D 35 -14.49 -20.71 0.81
C ASP D 35 -14.75 -19.36 0.10
N LEU D 36 -14.96 -19.44 -1.23
CA LEU D 36 -15.23 -18.25 -2.09
C LEU D 36 -15.93 -18.62 -3.40
N HIS D 37 -17.09 -18.02 -3.64
CA HIS D 37 -17.85 -18.33 -4.85
C HIS D 37 -18.91 -17.26 -5.14
N PRO D 38 -19.43 -17.26 -6.38
CA PRO D 38 -20.58 -16.44 -6.67
C PRO D 38 -21.85 -17.01 -6.08
N LEU D 39 -22.78 -16.11 -5.82
CA LEU D 39 -24.14 -16.46 -5.49
C LEU D 39 -24.92 -16.89 -6.73
N GLU D 40 -26.00 -17.64 -6.52
CA GLU D 40 -26.60 -18.44 -7.60
C GLU D 40 -26.93 -17.55 -8.80
N ASP D 41 -27.75 -16.52 -8.60
CA ASP D 41 -28.32 -15.72 -9.67
C ASP D 41 -27.32 -14.85 -10.50
N GLY D 42 -26.13 -14.53 -10.00
CA GLY D 42 -25.22 -13.63 -10.72
C GLY D 42 -23.76 -13.78 -10.40
N LEU D 43 -22.88 -13.40 -11.31
CA LEU D 43 -21.41 -13.35 -11.03
C LEU D 43 -21.01 -12.12 -10.26
N PHE D 44 -21.90 -11.15 -10.13
CA PHE D 44 -21.58 -9.85 -9.55
C PHE D 44 -21.86 -9.72 -8.06
N ARG D 45 -22.17 -10.83 -7.43
CA ARG D 45 -22.27 -10.90 -5.99
C ARG D 45 -21.70 -12.20 -5.54
N TRP D 46 -20.75 -12.12 -4.61
CA TRP D 46 -20.03 -13.30 -4.17
C TRP D 46 -20.09 -13.41 -2.65
N SER D 47 -19.96 -14.66 -2.20
CA SER D 47 -19.72 -14.94 -0.80
C SER D 47 -18.31 -15.49 -0.58
N ALA D 48 -17.76 -15.09 0.56
CA ALA D 48 -16.55 -15.67 1.03
C ALA D 48 -16.57 -15.87 2.53
N VAL D 49 -15.89 -16.93 2.94
CA VAL D 49 -15.62 -17.29 4.32
C VAL D 49 -14.09 -17.31 4.49
N ILE D 50 -13.62 -16.64 5.54
CA ILE D 50 -12.19 -16.58 5.85
C ILE D 50 -11.92 -16.97 7.29
N ARG D 51 -10.70 -17.44 7.57
CA ARG D 51 -10.28 -17.77 8.91
C ARG D 51 -9.25 -16.77 9.32
N GLY D 52 -9.47 -16.11 10.44
CA GLY D 52 -8.56 -15.07 10.91
C GLY D 52 -7.23 -15.69 11.18
N PRO D 53 -6.15 -14.91 11.05
CA PRO D 53 -4.83 -15.47 10.94
C PRO D 53 -4.26 -15.84 12.28
N ASP D 54 -3.45 -16.91 12.25
CA ASP D 54 -2.80 -17.49 13.42
C ASP D 54 -2.02 -16.47 14.22
N GLN D 55 -1.63 -16.86 15.43
CA GLN D 55 -0.93 -15.99 16.37
C GLN D 55 -1.46 -14.53 16.37
N SER D 56 -2.77 -14.41 16.23
CA SER D 56 -3.49 -13.14 16.31
C SER D 56 -4.80 -13.38 17.06
N PRO D 57 -5.41 -12.34 17.66
CA PRO D 57 -6.63 -12.57 18.48
C PRO D 57 -7.85 -13.16 17.72
N PHE D 58 -7.79 -13.08 16.38
CA PHE D 58 -8.81 -13.59 15.50
C PHE D 58 -8.53 -15.07 15.12
N GLU D 59 -7.45 -15.67 15.63
CA GLU D 59 -7.11 -17.05 15.24
C GLU D 59 -8.19 -18.07 15.61
N ASP D 60 -8.32 -19.07 14.76
CA ASP D 60 -9.14 -20.24 14.97
C ASP D 60 -10.63 -20.01 14.77
N ALA D 61 -11.03 -18.82 14.31
CA ALA D 61 -12.45 -18.48 14.13
C ALA D 61 -12.71 -18.09 12.69
N LEU D 62 -13.89 -18.42 12.17
CA LEU D 62 -14.28 -18.01 10.82
C LEU D 62 -15.10 -16.71 10.76
N TRP D 63 -15.12 -16.04 9.61
CA TRP D 63 -16.00 -14.90 9.32
C TRP D 63 -16.54 -14.99 7.91
N LYS D 64 -17.66 -14.29 7.68
CA LYS D 64 -18.28 -14.26 6.36
C LYS D 64 -18.14 -12.89 5.79
N LEU D 65 -17.93 -12.86 4.47
CA LEU D 65 -17.84 -11.64 3.70
C LEU D 65 -18.75 -11.72 2.50
N GLU D 66 -19.40 -10.58 2.23
CA GLU D 66 -20.25 -10.43 1.05
C GLU D 66 -19.52 -9.47 0.15
N ILE D 67 -19.51 -9.80 -1.14
CA ILE D 67 -18.64 -9.11 -2.11
C ILE D 67 -19.47 -8.69 -3.30
N ASP D 68 -19.58 -7.36 -3.47
CA ASP D 68 -20.29 -6.74 -4.63
C ASP D 68 -19.30 -6.32 -5.72
N ILE D 69 -19.51 -6.79 -6.93
CA ILE D 69 -18.62 -6.57 -8.05
C ILE D 69 -19.18 -5.47 -8.93
N PRO D 70 -18.48 -4.33 -9.13
CA PRO D 70 -19.00 -3.30 -10.07
C PRO D 70 -18.86 -3.75 -11.52
N THR D 71 -19.60 -3.14 -12.44
CA THR D 71 -19.71 -3.67 -13.81
C THR D 71 -18.38 -3.54 -14.56
N ASN D 72 -17.70 -2.43 -14.36
CA ASN D 72 -16.44 -2.18 -15.03
C ASN D 72 -15.24 -2.85 -14.31
N TYR D 73 -15.46 -3.65 -13.28
CA TYR D 73 -14.40 -4.51 -12.69
C TYR D 73 -13.66 -5.24 -13.80
N PRO D 74 -12.33 -5.37 -13.70
CA PRO D 74 -11.53 -5.00 -12.53
C PRO D 74 -10.95 -3.60 -12.56
N LEU D 75 -11.49 -2.71 -13.36
CA LEU D 75 -10.96 -1.35 -13.39
C LEU D 75 -11.30 -0.76 -12.09
N ASP D 76 -12.56 -0.88 -11.69
CA ASP D 76 -12.93 -0.57 -10.30
C ASP D 76 -12.92 -1.76 -9.36
N PRO D 77 -12.53 -1.50 -8.09
CA PRO D 77 -12.48 -2.54 -7.04
C PRO D 77 -13.86 -3.09 -6.68
N PRO D 78 -13.89 -4.32 -6.13
CA PRO D 78 -15.09 -4.85 -5.49
C PRO D 78 -15.36 -4.11 -4.23
N LYS D 79 -16.63 -4.02 -3.85
CA LYS D 79 -17.03 -3.52 -2.51
C LYS D 79 -17.12 -4.77 -1.65
N ILE D 80 -16.36 -4.80 -0.56
CA ILE D 80 -16.38 -5.98 0.32
C ILE D 80 -16.71 -5.62 1.76
N LYS D 81 -17.65 -6.35 2.37
CA LYS D 81 -17.93 -6.19 3.82
C LYS D 81 -18.05 -7.51 4.53
N PHE D 82 -17.72 -7.48 5.82
CA PHE D 82 -18.01 -8.59 6.77
C PHE D 82 -19.48 -8.70 6.99
N VAL D 83 -20.01 -9.92 7.01
CA VAL D 83 -21.44 -10.07 7.42
C VAL D 83 -21.57 -10.05 8.98
N VAL D 84 -22.32 -9.06 9.44
CA VAL D 84 -22.46 -8.68 10.82
C VAL D 84 -23.95 -8.54 11.13
N PHE D 85 -24.44 -9.22 12.15
CA PHE D 85 -25.85 -9.14 12.44
C PHE D 85 -26.07 -8.50 13.79
N GLY D 86 -27.31 -8.08 14.03
CA GLY D 86 -27.72 -7.66 15.34
C GLY D 86 -27.72 -8.83 16.34
N GLU D 87 -27.49 -8.47 17.61
CA GLU D 87 -27.46 -9.43 18.72
C GLU D 87 -28.76 -10.31 18.81
N GLU D 88 -29.91 -9.69 18.51
CA GLU D 88 -31.19 -10.41 18.42
C GLU D 88 -31.25 -11.41 17.23
N LYS D 89 -30.78 -11.02 16.06
CA LYS D 89 -30.70 -11.96 14.95
C LYS D 89 -29.70 -13.11 15.19
N ILE D 90 -28.60 -12.81 15.86
CA ILE D 90 -27.60 -13.86 16.11
C ILE D 90 -28.13 -14.89 17.10
N ARG D 91 -28.76 -14.45 18.19
CA ARG D 91 -29.31 -15.41 19.18
C ARG D 91 -30.37 -16.37 18.60
N GLN D 92 -31.13 -15.95 17.56
CA GLN D 92 -31.96 -16.92 16.81
C GLN D 92 -31.21 -17.86 15.87
N LEU D 93 -30.17 -17.35 15.21
CA LEU D 93 -29.28 -18.23 14.41
C LEU D 93 -28.61 -19.32 15.25
N GLN D 94 -28.29 -18.96 16.50
CA GLN D 94 -27.70 -19.89 17.49
C GLN D 94 -28.64 -21.05 17.93
N ARG D 95 -29.95 -20.80 17.90
CA ARG D 95 -30.92 -21.83 18.23
C ARG D 95 -30.89 -23.02 17.32
N LYS D 96 -30.37 -22.88 16.09
CA LYS D 96 -29.98 -24.06 15.29
C LYS D 96 -28.57 -24.64 15.67
N THR D 97 -28.62 -25.39 16.77
CA THR D 97 -27.53 -25.97 17.57
C THR D 97 -26.56 -27.02 16.96
N SER D 98 -27.05 -27.88 16.07
CA SER D 98 -26.22 -29.08 15.65
C SER D 98 -25.04 -28.64 14.75
N SER D 99 -23.90 -29.32 14.92
CA SER D 99 -22.64 -28.86 14.33
C SER D 99 -22.43 -29.05 12.81
N GLY D 100 -23.53 -29.10 12.03
CA GLY D 100 -23.58 -29.68 10.68
C GLY D 100 -22.55 -29.27 9.62
N ALA D 101 -22.05 -28.04 9.68
CA ALA D 101 -20.88 -27.63 8.86
C ALA D 101 -19.87 -26.78 9.69
N ARG D 102 -20.08 -25.46 9.73
CA ARG D 102 -19.06 -24.55 10.24
C ARG D 102 -19.67 -23.60 11.24
N LYS D 103 -18.92 -23.28 12.30
CA LYS D 103 -19.27 -22.11 13.13
C LYS D 103 -18.61 -20.89 12.50
N VAL D 104 -19.38 -19.84 12.40
CA VAL D 104 -18.99 -18.56 11.88
C VAL D 104 -19.43 -17.52 12.87
N CYS D 105 -18.62 -16.48 13.00
CA CYS D 105 -18.84 -15.40 13.93
C CYS D 105 -19.41 -14.21 13.19
N TYR D 106 -20.42 -13.60 13.78
CA TYR D 106 -21.20 -12.58 13.11
C TYR D 106 -21.00 -11.24 13.75
N LYS D 107 -19.95 -11.06 14.53
CA LYS D 107 -19.53 -9.70 14.92
C LYS D 107 -18.07 -9.55 14.53
N MET D 108 -17.70 -8.32 14.15
CA MET D 108 -16.33 -8.02 13.76
C MET D 108 -15.75 -6.78 14.46
N PRO D 109 -15.07 -7.02 15.61
CA PRO D 109 -14.44 -5.96 16.39
C PRO D 109 -12.95 -5.73 16.02
N HIS D 110 -12.72 -4.70 15.19
CA HIS D 110 -11.41 -4.37 14.64
C HIS D 110 -11.43 -2.88 14.32
N PRO D 111 -10.35 -2.12 14.63
CA PRO D 111 -10.20 -0.67 14.33
C PRO D 111 -10.55 -0.26 12.90
N ASN D 112 -10.21 -1.08 11.93
CA ASN D 112 -10.47 -0.75 10.55
C ASN D 112 -11.72 -1.39 9.96
N VAL D 113 -12.64 -1.86 10.80
CA VAL D 113 -13.98 -2.23 10.27
C VAL D 113 -15.02 -1.63 11.14
N ASN D 114 -16.12 -1.29 10.48
CA ASN D 114 -17.24 -0.53 11.02
C ASN D 114 -18.07 -1.57 11.73
N PHE D 115 -18.30 -1.34 13.03
CA PHE D 115 -18.86 -2.40 13.88
C PHE D 115 -20.24 -2.87 13.46
N LYS D 116 -21.08 -1.90 13.00
CA LYS D 116 -22.47 -2.12 12.56
C LYS D 116 -22.57 -2.63 11.12
N THR D 117 -22.09 -1.85 10.17
CA THR D 117 -22.20 -2.18 8.73
C THR D 117 -21.37 -3.38 8.24
N GLY D 118 -20.16 -3.55 8.81
CA GLY D 118 -19.19 -4.58 8.32
C GLY D 118 -18.24 -4.02 7.26
N GLU D 119 -18.29 -2.71 7.08
CA GLU D 119 -17.52 -2.03 6.08
C GLU D 119 -16.07 -1.96 6.52
N ILE D 120 -15.17 -2.02 5.55
CA ILE D 120 -13.71 -2.18 5.77
C ILE D 120 -12.94 -0.98 5.25
N CYS D 121 -11.94 -0.54 5.98
CA CYS D 121 -11.05 0.53 5.55
C CYS D 121 -9.66 -0.03 5.19
N LEU D 122 -9.50 -0.34 3.90
CA LEU D 122 -8.31 -0.99 3.40
C LEU D 122 -7.90 -0.39 2.01
N ASP D 123 -6.75 0.31 1.95
CA ASP D 123 -6.21 0.99 0.71
C ASP D 123 -6.36 0.17 -0.58
N ILE D 124 -6.03 -1.13 -0.55
CA ILE D 124 -6.32 -2.09 -1.65
C ILE D 124 -7.68 -2.05 -2.31
N LEU D 125 -8.69 -1.69 -1.53
CA LEU D 125 -10.04 -1.66 -1.98
C LEU D 125 -10.47 -0.27 -2.34
N GLN D 126 -9.79 0.78 -1.88
CA GLN D 126 -10.00 2.15 -2.38
C GLN D 126 -8.85 2.46 -3.41
N GLN D 127 -7.92 3.33 -3.06
CA GLN D 127 -7.05 3.94 -4.09
C GLN D 127 -5.97 3.08 -4.71
N LYS D 128 -5.57 1.99 -4.05
CA LYS D 128 -4.50 1.10 -4.48
C LYS D 128 -4.97 -0.14 -5.24
N TRP D 129 -6.26 -0.27 -5.52
CA TRP D 129 -6.73 -1.38 -6.35
C TRP D 129 -6.12 -1.19 -7.75
N SER D 130 -5.90 -2.27 -8.46
CA SER D 130 -5.59 -2.21 -9.88
C SER D 130 -6.12 -3.49 -10.47
N PRO D 131 -6.21 -3.55 -11.83
CA PRO D 131 -6.63 -4.79 -12.47
C PRO D 131 -5.71 -5.95 -12.25
N ALA D 132 -4.53 -5.73 -11.69
CA ALA D 132 -3.63 -6.83 -11.29
C ALA D 132 -4.30 -7.75 -10.29
N TRP D 133 -5.04 -7.13 -9.34
CA TRP D 133 -5.64 -7.81 -8.17
C TRP D 133 -6.84 -8.67 -8.48
N THR D 134 -7.00 -9.73 -7.71
CA THR D 134 -8.14 -10.61 -7.81
C THR D 134 -9.00 -10.56 -6.55
N LEU D 135 -10.14 -11.20 -6.62
CA LEU D 135 -10.98 -11.33 -5.41
C LEU D 135 -10.18 -12.07 -4.34
N GLN D 136 -9.52 -13.12 -4.79
CA GLN D 136 -8.81 -13.99 -3.91
C GLN D 136 -7.71 -13.26 -3.16
N SER D 137 -6.98 -12.36 -3.81
CA SER D 137 -5.88 -11.69 -3.11
C SER D 137 -6.38 -10.52 -2.28
N ALA D 138 -7.51 -9.96 -2.65
CA ALA D 138 -8.19 -8.98 -1.78
C ALA D 138 -8.59 -9.63 -0.41
N LEU D 139 -9.12 -10.85 -0.47
CA LEU D 139 -9.36 -11.59 0.76
C LEU D 139 -8.13 -11.79 1.61
N VAL D 140 -7.03 -12.26 1.00
CA VAL D 140 -5.78 -12.45 1.72
C VAL D 140 -5.34 -11.13 2.32
N ALA D 141 -5.62 -10.05 1.61
CA ALA D 141 -5.31 -8.71 2.12
C ALA D 141 -6.07 -8.37 3.40
N ILE D 142 -7.32 -8.80 3.47
CA ILE D 142 -8.19 -8.58 4.64
C ILE D 142 -7.74 -9.41 5.84
N VAL D 143 -7.35 -10.65 5.60
CA VAL D 143 -6.79 -11.45 6.71
C VAL D 143 -5.49 -10.81 7.22
N VAL D 144 -4.65 -10.28 6.32
CA VAL D 144 -3.46 -9.55 6.77
C VAL D 144 -3.85 -8.33 7.65
N LEU D 145 -4.96 -7.68 7.33
CA LEU D 145 -5.40 -6.49 8.02
C LEU D 145 -5.86 -6.88 9.46
N LEU D 146 -6.51 -8.04 9.57
CA LEU D 146 -6.86 -8.55 10.88
C LEU D 146 -5.67 -8.72 11.85
N ALA D 147 -4.56 -9.26 11.35
CA ALA D 147 -3.30 -9.27 12.11
C ALA D 147 -2.61 -7.92 12.22
N ASN D 148 -2.93 -6.98 11.37
CA ASN D 148 -2.16 -5.72 11.28
C ASN D 148 -3.13 -4.54 11.27
N PRO D 149 -3.87 -4.38 12.34
CA PRO D 149 -4.76 -3.26 12.31
C PRO D 149 -3.98 -1.96 12.17
N GLU D 150 -4.58 -0.95 11.55
CA GLU D 150 -4.03 0.38 11.50
C GLU D 150 -4.86 1.41 12.28
N PRO D 151 -4.53 1.61 13.58
CA PRO D 151 -5.27 2.53 14.50
C PRO D 151 -5.43 4.00 14.09
N LEU D 152 -4.59 4.46 13.16
CA LEU D 152 -4.62 5.88 12.77
C LEU D 152 -5.60 6.13 11.60
N SER D 153 -6.14 5.04 11.04
CA SER D 153 -7.23 5.10 10.05
C SER D 153 -8.54 4.30 10.53
N PRO D 154 -9.17 4.79 11.63
CA PRO D 154 -10.15 3.95 12.31
C PRO D 154 -11.57 4.10 11.76
N LEU D 155 -12.22 2.96 11.62
CA LEU D 155 -13.64 2.90 11.40
C LEU D 155 -14.33 2.38 12.65
N ASN D 156 -13.60 2.08 13.72
CA ASN D 156 -14.13 1.61 15.00
C ASN D 156 -13.23 2.26 16.03
N ILE D 157 -13.64 3.40 16.58
CA ILE D 157 -12.68 4.25 17.34
C ILE D 157 -12.19 3.58 18.64
N ASP D 158 -13.06 2.78 19.24
CA ASP D 158 -12.86 2.31 20.59
C ASP D 158 -11.93 1.12 20.59
N MET D 159 -12.05 0.24 19.61
CA MET D 159 -11.08 -0.83 19.46
C MET D 159 -9.72 -0.25 19.11
N ALA D 160 -9.72 0.78 18.27
CA ALA D 160 -8.50 1.48 17.90
C ALA D 160 -7.85 2.12 19.12
N ASN D 161 -8.66 2.74 19.98
CA ASN D 161 -8.11 3.40 21.18
C ASN D 161 -7.47 2.45 22.20
N LEU D 162 -7.79 1.18 22.13
CA LEU D 162 -7.18 0.23 23.02
C LEU D 162 -5.76 0.05 22.63
N LEU D 163 -5.51 0.07 21.31
CA LEU D 163 -4.13 0.07 20.76
C LEU D 163 -3.41 1.39 21.02
N LYS D 164 -4.10 2.52 20.93
CA LYS D 164 -3.45 3.77 21.30
C LYS D 164 -3.02 3.80 22.75
N CYS D 165 -3.79 3.17 23.63
CA CYS D 165 -3.41 2.99 25.06
C CYS D 165 -2.32 1.93 25.25
N ASP D 166 -2.02 1.22 24.19
CA ASP D 166 -1.19 0.04 24.27
C ASP D 166 -1.85 -1.13 25.00
N ASP D 167 -3.16 -1.05 25.24
CA ASP D 167 -3.86 -2.09 26.01
C ASP D 167 -4.14 -3.25 25.08
N THR D 168 -3.11 -4.07 24.91
CA THR D 168 -3.18 -5.15 23.99
C THR D 168 -4.06 -6.31 24.49
N THR D 169 -4.04 -6.53 25.80
CA THR D 169 -4.85 -7.59 26.44
C THR D 169 -6.36 -7.32 26.46
N ALA D 170 -6.73 -6.07 26.76
CA ALA D 170 -8.12 -5.63 26.60
C ALA D 170 -8.63 -5.85 25.19
N TYR D 171 -7.82 -5.48 24.21
CA TYR D 171 -8.13 -5.68 22.79
C TYR D 171 -8.41 -7.17 22.56
N LYS D 172 -7.56 -8.05 23.10
CA LYS D 172 -7.62 -9.47 22.76
C LYS D 172 -8.75 -10.20 23.51
N ASP D 173 -8.92 -9.89 24.81
CA ASP D 173 -10.03 -10.39 25.57
C ASP D 173 -11.34 -10.05 24.86
N LEU D 174 -11.49 -8.79 24.46
CA LEU D 174 -12.72 -8.30 23.82
C LEU D 174 -12.97 -9.05 22.49
N VAL D 175 -11.94 -9.20 21.67
CA VAL D 175 -12.03 -10.01 20.47
C VAL D 175 -12.48 -11.47 20.77
N HIS D 176 -11.93 -12.07 21.84
CA HIS D 176 -12.26 -13.45 22.27
C HIS D 176 -13.69 -13.54 22.80
N TYR D 177 -14.14 -12.43 23.40
CA TYR D 177 -15.52 -12.27 23.87
C TYR D 177 -16.47 -12.43 22.74
N TYR D 178 -16.41 -11.50 21.79
CA TYR D 178 -17.34 -11.52 20.63
C TYR D 178 -17.37 -12.86 19.90
N ILE D 179 -16.27 -13.56 19.81
CA ILE D 179 -16.23 -14.83 19.11
C ILE D 179 -16.97 -15.91 19.85
N ALA D 180 -16.80 -15.94 21.17
CA ALA D 180 -17.47 -16.89 22.01
C ALA D 180 -18.97 -16.65 21.95
N LYS D 181 -19.40 -15.46 22.36
CA LYS D 181 -20.81 -15.12 22.48
C LYS D 181 -21.58 -15.07 21.15
N TYR D 182 -20.95 -14.61 20.07
CA TYR D 182 -21.64 -14.35 18.74
C TYR D 182 -21.27 -15.19 17.49
N SER D 183 -20.93 -16.46 17.66
CA SER D 183 -20.81 -17.40 16.52
C SER D 183 -22.02 -18.34 16.42
N ALA D 184 -22.16 -19.02 15.28
CA ALA D 184 -23.39 -19.74 14.93
C ALA D 184 -23.16 -20.58 13.69
N TYR D 185 -24.12 -21.39 13.28
CA TYR D 185 -23.98 -22.21 12.08
C TYR D 185 -24.88 -21.67 10.99
#